data_4UWL
#
_entry.id   4UWL
#
_cell.length_a   93.093
_cell.length_b   146.357
_cell.length_c   61.607
_cell.angle_alpha   90.00
_cell.angle_beta   90.00
_cell.angle_gamma   90.00
#
_symmetry.space_group_name_H-M   'P 21 21 2'
#
loop_
_entity.id
_entity.type
_entity.pdbx_description
1 polymer 'PHOSPHATIDYLINOSITOL 3-KINASE CATALYTIC SUBUNIT TYPE 3'
2 non-polymer 'SULFATE ION'
3 non-polymer (8S)-2-[(3R)-3-methylmorpholin-4-yl]-9-(3-methyl-2-oxobutyl)-8-(trifluoromethyl)-6,7,8,9-tetrahydro-4H-pyrimido[1,2-a]pyrimidin-4-one
4 water water
#
_entity_poly.entity_id   1
_entity_poly.type   'polypeptide(L)'
_entity_poly.pdbx_seq_one_letter_code
;GAMSDHDLKPNAATRDQLNIIVSYPPTKQLTYEEQDLVWKFRYYLTNQEKALTKFLKCVNWDLPQEAKQALELLGKWKPM
DVEDSLELLSSHYTNPTVRRYAVARLRQADDEDLLMYLLQLVQALKYENFDDIKNGLEPTKKDSQSSVSENVSNSGINSA
EIDSSQIITSPLPSVSSPPPASKTKEVPDGENLEQDLCTFLISRACKNSTLANYLYWYVIVECEDQDTQQRDPKTHEMYL
NVMRRFSQALLKGDKSVRVMRSLLAAQQTFVDRLVHLMKAVQRESGNRKKKNERLQALLGDNEKMNLSDVELIPLPLEPQ
VKIRGIIPETATLFKSALMPAQLFFKTEDGGKYPVIFKHGDDLRQDQLILQIISLMDKLLRKENLDLKLTPYKVLATSTK
HGFMQFIQSVPVAEVLDTEGSIQNFFRKYAPSENGPNGISAEVMDTYVKSCAGYCVITYILGVGDRHLDNLLLTKTGKLF
HIDFGYILGRDPKPLPPPMKLNKEMVEGMGGTQSEQYQEFRKQCYTAFLHLRRYSNLILNLFSLMVDANIPDIALEPDKT
VKKVQDKFRLDLSDEEAVHYMQSLIDESVHALFAAVVEQIH
;
_entity_poly.pdbx_strand_id   A
#
loop_
_chem_comp.id
_chem_comp.type
_chem_comp.name
_chem_comp.formula
7A5 non-polymer (8S)-2-[(3R)-3-methylmorpholin-4-yl]-9-(3-methyl-2-oxobutyl)-8-(trifluoromethyl)-6,7,8,9-tetrahydro-4H-pyrimido[1,2-a]pyrimidin-4-one 'C18 H25 F3 N4 O3'
SO4 non-polymer 'SULFATE ION' 'O4 S -2'
#
# COMPACT_ATOMS: atom_id res chain seq x y z
N LEU A 8 19.46 -37.17 -11.55
CA LEU A 8 18.80 -36.60 -12.74
C LEU A 8 17.27 -36.83 -12.73
N LYS A 9 16.79 -37.84 -11.96
CA LYS A 9 15.37 -38.18 -11.83
C LYS A 9 15.13 -38.76 -10.41
N PRO A 10 14.30 -38.11 -9.55
CA PRO A 10 14.10 -38.64 -8.19
C PRO A 10 12.99 -39.67 -8.03
N ASN A 11 13.01 -40.37 -6.89
CA ASN A 11 12.04 -41.39 -6.49
C ASN A 11 10.90 -40.71 -5.70
N ALA A 12 9.82 -41.47 -5.39
CA ALA A 12 8.62 -41.01 -4.68
C ALA A 12 8.86 -40.43 -3.27
N ALA A 13 9.95 -40.83 -2.58
CA ALA A 13 10.27 -40.33 -1.24
C ALA A 13 10.85 -38.90 -1.28
N THR A 14 11.85 -38.68 -2.16
CA THR A 14 12.54 -37.40 -2.35
C THR A 14 11.63 -36.35 -2.99
N ARG A 15 10.66 -36.77 -3.83
CA ARG A 15 9.69 -35.88 -4.49
C ARG A 15 8.78 -35.21 -3.47
N ASP A 16 8.49 -35.90 -2.36
CA ASP A 16 7.64 -35.41 -1.26
C ASP A 16 8.37 -34.33 -0.46
N GLN A 17 9.67 -34.54 -0.21
CA GLN A 17 10.55 -33.63 0.54
C GLN A 17 10.78 -32.34 -0.26
N LEU A 18 10.99 -32.47 -1.59
CA LEU A 18 11.18 -31.37 -2.52
C LEU A 18 9.91 -30.52 -2.56
N ASN A 19 8.74 -31.17 -2.56
CA ASN A 19 7.44 -30.49 -2.54
C ASN A 19 7.23 -29.62 -1.30
N ILE A 20 7.79 -30.02 -0.12
CA ILE A 20 7.68 -29.25 1.13
C ILE A 20 8.50 -27.96 1.00
N ILE A 21 9.75 -28.06 0.51
CA ILE A 21 10.66 -26.93 0.34
C ILE A 21 10.08 -25.92 -0.67
N VAL A 22 9.48 -26.40 -1.77
CA VAL A 22 8.86 -25.55 -2.81
C VAL A 22 7.68 -24.76 -2.21
N SER A 23 6.90 -25.39 -1.31
CA SER A 23 5.73 -24.82 -0.63
C SER A 23 6.07 -23.81 0.47
N TYR A 24 7.34 -23.78 0.90
CA TYR A 24 7.88 -22.90 1.94
C TYR A 24 7.62 -21.42 1.67
N PRO A 25 7.47 -20.57 2.74
CA PRO A 25 7.31 -19.12 2.51
C PRO A 25 8.51 -18.58 1.73
N PRO A 26 8.37 -17.49 0.94
CA PRO A 26 9.54 -17.00 0.17
C PRO A 26 10.64 -16.45 1.08
N THR A 27 10.26 -16.06 2.29
CA THR A 27 11.12 -15.44 3.30
C THR A 27 11.77 -16.47 4.25
N LYS A 28 11.30 -17.75 4.24
CA LYS A 28 11.89 -18.79 5.10
C LYS A 28 13.29 -19.14 4.64
N GLN A 29 14.21 -19.30 5.60
CA GLN A 29 15.60 -19.65 5.32
C GLN A 29 15.77 -21.16 5.16
N LEU A 30 16.20 -21.60 3.96
CA LEU A 30 16.47 -22.99 3.62
C LEU A 30 17.66 -23.47 4.45
N THR A 31 17.68 -24.76 4.82
CA THR A 31 18.80 -25.33 5.56
C THR A 31 19.80 -25.84 4.53
N TYR A 32 21.05 -26.13 4.93
CA TYR A 32 22.08 -26.64 4.02
C TYR A 32 21.64 -27.95 3.39
N GLU A 33 21.02 -28.81 4.19
CA GLU A 33 20.44 -30.09 3.78
C GLU A 33 19.37 -29.81 2.70
N GLU A 34 18.45 -28.84 2.96
CA GLU A 34 17.39 -28.40 2.05
C GLU A 34 17.98 -27.88 0.74
N GLN A 35 19.02 -27.03 0.84
CA GLN A 35 19.75 -26.41 -0.27
C GLN A 35 20.43 -27.45 -1.16
N ASP A 36 21.05 -28.47 -0.53
CA ASP A 36 21.73 -29.55 -1.23
C ASP A 36 20.76 -30.45 -2.00
N LEU A 37 19.53 -30.64 -1.45
CA LEU A 37 18.49 -31.45 -2.10
C LEU A 37 17.92 -30.73 -3.33
N VAL A 38 17.81 -29.38 -3.26
CA VAL A 38 17.31 -28.56 -4.37
C VAL A 38 18.36 -28.51 -5.50
N TRP A 39 19.66 -28.41 -5.13
CA TRP A 39 20.75 -28.39 -6.12
C TRP A 39 20.94 -29.75 -6.80
N LYS A 40 20.70 -30.87 -6.07
CA LYS A 40 20.86 -32.22 -6.62
C LYS A 40 19.85 -32.48 -7.73
N PHE A 41 18.56 -32.28 -7.45
CA PHE A 41 17.48 -32.53 -8.40
C PHE A 41 17.01 -31.25 -9.10
N ARG A 42 17.95 -30.31 -9.36
CA ARG A 42 17.71 -29.03 -10.02
C ARG A 42 17.20 -29.18 -11.46
N TYR A 43 17.66 -30.22 -12.18
CA TYR A 43 17.24 -30.48 -13.56
C TYR A 43 15.85 -31.16 -13.64
N TYR A 44 15.37 -31.75 -12.52
CA TYR A 44 14.03 -32.34 -12.46
C TYR A 44 13.02 -31.22 -12.20
N LEU A 45 13.34 -30.30 -11.26
CA LEU A 45 12.51 -29.18 -10.84
C LEU A 45 12.22 -28.13 -11.94
N THR A 46 12.91 -28.23 -13.10
CA THR A 46 12.77 -27.34 -14.26
C THR A 46 11.30 -27.24 -14.78
N ASN A 47 10.46 -28.26 -14.46
CA ASN A 47 9.04 -28.37 -14.84
C ASN A 47 8.09 -27.80 -13.76
N GLN A 48 8.66 -27.36 -12.62
CA GLN A 48 7.94 -26.75 -11.50
C GLN A 48 8.36 -25.27 -11.44
N GLU A 49 7.51 -24.36 -11.97
CA GLU A 49 7.82 -22.93 -11.98
C GLU A 49 7.99 -22.35 -10.58
N LYS A 50 7.24 -22.90 -9.60
CA LYS A 50 7.25 -22.49 -8.20
C LYS A 50 8.56 -22.83 -7.46
N ALA A 51 9.34 -23.79 -7.99
CA ALA A 51 10.61 -24.26 -7.42
C ALA A 51 11.77 -23.32 -7.68
N LEU A 52 11.77 -22.61 -8.85
CA LEU A 52 12.81 -21.68 -9.31
C LEU A 52 13.28 -20.69 -8.23
N THR A 53 12.36 -20.07 -7.47
CA THR A 53 12.74 -19.13 -6.39
C THR A 53 13.63 -19.83 -5.35
N LYS A 54 13.23 -21.07 -4.94
CA LYS A 54 13.96 -21.89 -3.96
C LYS A 54 15.30 -22.33 -4.53
N PHE A 55 15.39 -22.51 -5.87
CA PHE A 55 16.64 -22.88 -6.55
C PHE A 55 17.70 -21.78 -6.51
N LEU A 56 17.30 -20.52 -6.79
CA LEU A 56 18.20 -19.38 -6.79
C LEU A 56 18.66 -19.04 -5.37
N LYS A 57 17.84 -19.40 -4.37
CA LYS A 57 18.13 -19.21 -2.95
C LYS A 57 19.23 -20.16 -2.42
N CYS A 58 19.68 -21.14 -3.25
CA CYS A 58 20.74 -22.11 -2.93
C CYS A 58 22.13 -21.61 -3.31
N VAL A 59 22.20 -20.99 -4.49
CA VAL A 59 23.38 -20.45 -5.17
C VAL A 59 24.19 -19.45 -4.34
N ASN A 60 25.52 -19.55 -4.43
CA ASN A 60 26.46 -18.59 -3.87
C ASN A 60 27.00 -17.92 -5.12
N TRP A 61 26.42 -16.76 -5.43
CA TRP A 61 26.72 -15.94 -6.59
C TRP A 61 28.15 -15.39 -6.56
N ASP A 62 28.78 -15.37 -5.37
CA ASP A 62 30.18 -14.93 -5.20
C ASP A 62 31.14 -15.98 -5.79
N LEU A 63 30.65 -17.22 -6.01
CA LEU A 63 31.38 -18.35 -6.59
C LEU A 63 31.03 -18.44 -8.09
N PRO A 64 31.97 -17.99 -8.97
CA PRO A 64 31.72 -18.02 -10.42
C PRO A 64 31.12 -19.29 -11.00
N GLN A 65 31.52 -20.47 -10.50
CA GLN A 65 31.00 -21.72 -11.00
C GLN A 65 29.53 -21.92 -10.62
N GLU A 66 29.18 -21.68 -9.32
CA GLU A 66 27.79 -21.81 -8.84
C GLU A 66 26.88 -20.79 -9.53
N ALA A 67 27.38 -19.56 -9.72
CA ALA A 67 26.68 -18.50 -10.41
C ALA A 67 26.39 -18.89 -11.89
N LYS A 68 27.41 -19.40 -12.61
CA LYS A 68 27.36 -19.83 -14.02
C LYS A 68 26.39 -20.99 -14.19
N GLN A 69 26.52 -22.05 -13.36
CA GLN A 69 25.68 -23.24 -13.38
C GLN A 69 24.21 -22.86 -13.22
N ALA A 70 23.91 -21.99 -12.23
CA ALA A 70 22.58 -21.50 -11.87
C ALA A 70 21.89 -20.78 -13.01
N LEU A 71 22.57 -19.83 -13.66
CA LEU A 71 22.01 -19.04 -14.75
C LEU A 71 21.61 -19.88 -15.98
N GLU A 72 22.31 -21.02 -16.22
CA GLU A 72 22.02 -21.95 -17.34
C GLU A 72 20.61 -22.46 -17.13
N LEU A 73 20.35 -22.94 -15.90
CA LEU A 73 19.08 -23.47 -15.41
C LEU A 73 17.97 -22.42 -15.41
N LEU A 74 18.32 -21.14 -15.18
CA LEU A 74 17.32 -20.04 -15.18
C LEU A 74 16.62 -19.90 -16.54
N GLY A 75 17.39 -20.06 -17.63
CA GLY A 75 16.87 -20.03 -18.99
C GLY A 75 16.22 -21.34 -19.39
N LYS A 76 16.49 -22.41 -18.62
CA LYS A 76 15.97 -23.76 -18.84
C LYS A 76 14.66 -23.98 -18.08
N TRP A 77 14.46 -23.21 -17.01
CA TRP A 77 13.30 -23.31 -16.13
C TRP A 77 11.98 -22.88 -16.77
N LYS A 78 10.87 -23.36 -16.18
CA LYS A 78 9.50 -23.01 -16.55
C LYS A 78 9.35 -21.52 -16.13
N PRO A 79 9.02 -20.59 -17.07
CA PRO A 79 8.91 -19.17 -16.69
C PRO A 79 8.01 -18.94 -15.48
N MET A 80 8.58 -18.30 -14.44
CA MET A 80 7.89 -18.08 -13.16
C MET A 80 6.79 -17.02 -13.20
N ASP A 81 5.82 -17.15 -12.27
CA ASP A 81 4.69 -16.22 -12.10
C ASP A 81 5.17 -14.81 -11.75
N VAL A 82 4.30 -13.80 -11.93
CA VAL A 82 4.62 -12.40 -11.65
C VAL A 82 4.81 -12.17 -10.14
N GLU A 83 3.96 -12.77 -9.26
CA GLU A 83 4.11 -12.62 -7.79
C GLU A 83 5.50 -13.09 -7.31
N ASP A 84 6.05 -14.11 -7.99
CA ASP A 84 7.32 -14.76 -7.73
C ASP A 84 8.51 -13.88 -8.08
N SER A 85 8.45 -13.18 -9.23
CA SER A 85 9.52 -12.30 -9.71
C SER A 85 9.83 -11.12 -8.77
N LEU A 86 8.90 -10.80 -7.84
CA LEU A 86 9.08 -9.72 -6.85
C LEU A 86 10.18 -10.05 -5.84
N GLU A 87 10.43 -11.35 -5.60
CA GLU A 87 11.47 -11.87 -4.71
C GLU A 87 12.86 -11.63 -5.32
N LEU A 88 12.98 -11.74 -6.66
CA LEU A 88 14.22 -11.54 -7.39
C LEU A 88 14.70 -10.08 -7.41
N LEU A 89 13.84 -9.13 -7.04
CA LEU A 89 14.19 -7.71 -7.03
C LEU A 89 14.53 -7.16 -5.64
N SER A 90 14.61 -8.06 -4.64
CA SER A 90 14.96 -7.77 -3.26
C SER A 90 16.47 -7.54 -3.09
N SER A 91 16.89 -7.19 -1.87
CA SER A 91 18.30 -6.93 -1.54
C SER A 91 19.18 -8.16 -1.75
N HIS A 92 18.63 -9.37 -1.55
CA HIS A 92 19.34 -10.65 -1.70
C HIS A 92 20.00 -10.86 -3.06
N TYR A 93 19.44 -10.28 -4.11
CA TYR A 93 20.01 -10.50 -5.42
C TYR A 93 20.68 -9.26 -6.01
N THR A 94 21.93 -9.46 -6.45
CA THR A 94 22.77 -8.45 -7.08
C THR A 94 23.16 -8.90 -8.47
N ASN A 95 22.92 -10.20 -8.81
CA ASN A 95 23.26 -10.74 -10.13
C ASN A 95 22.46 -10.06 -11.23
N PRO A 96 23.10 -9.30 -12.17
CA PRO A 96 22.34 -8.63 -13.21
C PRO A 96 21.42 -9.52 -14.04
N THR A 97 21.81 -10.78 -14.33
CA THR A 97 20.97 -11.69 -15.14
C THR A 97 19.69 -12.14 -14.38
N VAL A 98 19.77 -12.26 -13.04
CA VAL A 98 18.64 -12.61 -12.17
C VAL A 98 17.67 -11.43 -12.13
N ARG A 99 18.23 -10.23 -11.92
CA ARG A 99 17.49 -8.99 -11.82
C ARG A 99 16.80 -8.64 -13.13
N ARG A 100 17.43 -8.97 -14.27
CA ARG A 100 16.83 -8.76 -15.60
C ARG A 100 15.78 -9.83 -15.88
N TYR A 101 15.91 -11.04 -15.27
CA TYR A 101 14.93 -12.12 -15.39
C TYR A 101 13.61 -11.68 -14.73
N ALA A 102 13.70 -11.09 -13.52
CA ALA A 102 12.57 -10.57 -12.75
C ALA A 102 11.80 -9.47 -13.49
N VAL A 103 12.53 -8.59 -14.21
CA VAL A 103 11.95 -7.51 -15.02
C VAL A 103 11.32 -8.10 -16.30
N ALA A 104 11.91 -9.17 -16.85
CA ALA A 104 11.40 -9.87 -18.02
C ALA A 104 10.01 -10.50 -17.73
N ARG A 105 9.84 -11.01 -16.48
CA ARG A 105 8.60 -11.62 -16.02
C ARG A 105 7.60 -10.57 -15.47
N LEU A 106 8.10 -9.38 -15.07
CA LEU A 106 7.28 -8.25 -14.60
C LEU A 106 6.51 -7.67 -15.77
N ARG A 107 7.12 -7.64 -16.97
CA ARG A 107 6.55 -7.16 -18.22
C ARG A 107 5.28 -7.93 -18.60
N GLN A 108 5.11 -9.16 -18.05
CA GLN A 108 3.94 -10.00 -18.32
C GLN A 108 2.69 -9.49 -17.61
N ALA A 109 2.88 -8.68 -16.54
CA ALA A 109 1.78 -8.14 -15.74
C ALA A 109 1.00 -7.07 -16.47
N ASP A 110 -0.24 -6.84 -16.00
CA ASP A 110 -1.12 -5.78 -16.49
C ASP A 110 -0.68 -4.51 -15.78
N ASP A 111 -1.03 -3.34 -16.31
CA ASP A 111 -0.72 -2.08 -15.66
C ASP A 111 -1.54 -1.96 -14.36
N GLU A 112 -2.71 -2.61 -14.33
CA GLU A 112 -3.65 -2.66 -13.20
C GLU A 112 -2.94 -3.33 -12.05
N ASP A 113 -2.30 -4.49 -12.34
CA ASP A 113 -1.50 -5.28 -11.42
C ASP A 113 -0.22 -4.57 -11.04
N LEU A 114 0.42 -3.89 -12.01
CA LEU A 114 1.66 -3.16 -11.79
C LEU A 114 1.47 -2.06 -10.76
N LEU A 115 0.33 -1.32 -10.80
CA LEU A 115 0.04 -0.25 -9.81
C LEU A 115 -0.13 -0.79 -8.40
N MET A 116 -0.54 -2.06 -8.25
CA MET A 116 -0.68 -2.72 -6.95
C MET A 116 0.71 -2.97 -6.34
N TYR A 117 1.74 -3.14 -7.20
CA TYR A 117 3.11 -3.41 -6.75
C TYR A 117 4.05 -2.21 -6.86
N LEU A 118 3.65 -1.15 -7.58
CA LEU A 118 4.48 0.03 -7.87
C LEU A 118 5.25 0.62 -6.65
N LEU A 119 4.57 0.84 -5.47
CA LEU A 119 5.23 1.41 -4.27
C LEU A 119 6.51 0.67 -3.91
N GLN A 120 6.48 -0.67 -4.03
CA GLN A 120 7.61 -1.56 -3.74
C GLN A 120 8.61 -1.58 -4.87
N LEU A 121 8.13 -1.55 -6.14
CA LEU A 121 9.01 -1.51 -7.31
C LEU A 121 9.93 -0.27 -7.29
N VAL A 122 9.44 0.83 -6.70
CA VAL A 122 10.16 2.10 -6.51
C VAL A 122 11.23 1.85 -5.44
N GLN A 123 10.85 1.16 -4.33
CA GLN A 123 11.79 0.83 -3.24
C GLN A 123 12.87 -0.13 -3.69
N ALA A 124 12.52 -1.06 -4.61
CA ALA A 124 13.42 -2.04 -5.19
C ALA A 124 14.55 -1.42 -6.03
N LEU A 125 14.39 -0.16 -6.52
CA LEU A 125 15.44 0.56 -7.26
C LEU A 125 16.73 0.74 -6.42
N LYS A 126 16.59 0.71 -5.06
CA LYS A 126 17.67 0.80 -4.06
C LYS A 126 18.67 -0.35 -4.23
N TYR A 127 18.17 -1.49 -4.75
CA TYR A 127 18.93 -2.73 -5.00
C TYR A 127 19.42 -2.85 -6.49
N GLU A 128 19.06 -1.87 -7.35
CA GLU A 128 19.47 -1.83 -8.77
C GLU A 128 20.90 -1.28 -8.95
N ASN A 129 21.42 -1.40 -10.19
CA ASN A 129 22.74 -0.89 -10.52
C ASN A 129 22.61 0.62 -10.83
N PHE A 130 23.21 1.43 -9.94
CA PHE A 130 23.17 2.89 -9.95
C PHE A 130 23.88 3.51 -11.14
N ASP A 131 24.97 2.87 -11.61
CA ASP A 131 25.76 3.32 -12.76
C ASP A 131 24.97 3.10 -14.04
N ASP A 132 24.33 1.91 -14.17
CA ASP A 132 23.50 1.56 -15.34
C ASP A 132 22.32 2.55 -15.50
N ILE A 133 21.86 3.10 -14.36
CA ILE A 133 20.81 4.11 -14.30
C ILE A 133 21.41 5.44 -14.77
N LYS A 134 22.59 5.82 -14.22
CA LYS A 134 23.34 7.04 -14.58
C LYS A 134 23.64 7.11 -16.08
N ASN A 135 24.08 5.98 -16.67
CA ASN A 135 24.43 5.87 -18.10
C ASN A 135 23.21 5.97 -19.04
N GLY A 136 22.01 5.96 -18.44
CA GLY A 136 20.77 6.11 -19.18
C GLY A 136 20.54 7.55 -19.62
N LEU A 137 21.15 8.51 -18.87
CA LEU A 137 21.10 9.95 -19.14
C LEU A 137 21.83 10.24 -20.47
N GLU A 138 21.18 10.99 -21.37
CA GLU A 138 21.71 11.34 -22.69
C GLU A 138 22.63 12.56 -22.62
N GLU A 161 21.93 19.87 -4.44
CA GLU A 161 22.43 20.70 -5.55
C GLU A 161 21.36 20.82 -6.67
N ILE A 162 20.75 19.69 -7.05
CA ILE A 162 19.68 19.65 -8.05
C ILE A 162 18.40 19.55 -7.24
N ASP A 163 17.49 20.53 -7.35
CA ASP A 163 16.24 20.46 -6.59
C ASP A 163 15.34 19.48 -7.29
N SER A 164 15.03 18.36 -6.59
CA SER A 164 14.22 17.25 -7.08
C SER A 164 12.89 17.68 -7.65
N SER A 165 12.15 18.54 -6.93
CA SER A 165 10.83 19.06 -7.34
C SER A 165 10.91 20.19 -8.39
N GLN A 166 12.13 20.45 -8.90
CA GLN A 166 12.39 21.44 -9.93
C GLN A 166 12.73 20.79 -11.28
N ILE A 167 13.11 19.49 -11.27
CA ILE A 167 13.42 18.69 -12.47
C ILE A 167 12.28 18.80 -13.51
N ILE A 168 11.06 18.40 -13.12
CA ILE A 168 9.88 18.38 -13.98
C ILE A 168 9.33 19.82 -14.24
N THR A 169 9.51 20.79 -13.29
CA THR A 169 9.03 22.17 -13.49
C THR A 169 10.04 23.07 -14.23
N SER A 170 11.21 22.54 -14.63
CA SER A 170 12.27 23.27 -15.34
C SER A 170 12.77 22.47 -16.58
N PRO A 171 11.93 22.28 -17.63
CA PRO A 171 12.40 21.52 -18.81
C PRO A 171 13.44 22.24 -19.65
N LEU A 172 14.32 21.44 -20.29
CA LEU A 172 15.36 21.94 -21.21
C LEU A 172 14.88 21.84 -22.66
N PRO A 173 15.09 22.91 -23.48
CA PRO A 173 14.62 22.87 -24.88
C PRO A 173 15.41 21.88 -25.76
N LEU A 193 15.18 -9.84 -21.47
CA LEU A 193 16.25 -9.64 -20.49
C LEU A 193 17.26 -8.52 -20.90
N GLU A 194 16.76 -7.49 -21.64
CA GLU A 194 17.53 -6.32 -22.11
C GLU A 194 17.24 -5.04 -21.29
N GLN A 195 16.07 -5.00 -20.62
CA GLN A 195 15.62 -3.86 -19.79
C GLN A 195 15.81 -4.13 -18.30
N ASP A 196 16.14 -3.06 -17.55
CA ASP A 196 16.30 -3.11 -16.09
C ASP A 196 15.02 -2.52 -15.46
N LEU A 197 14.97 -2.41 -14.11
CA LEU A 197 13.81 -1.87 -13.39
C LEU A 197 13.52 -0.41 -13.75
N CYS A 198 14.55 0.46 -13.81
CA CYS A 198 14.40 1.87 -14.16
C CYS A 198 13.85 2.04 -15.59
N THR A 199 14.51 1.39 -16.58
CA THR A 199 14.10 1.47 -17.98
C THR A 199 12.66 0.99 -18.16
N PHE A 200 12.32 -0.18 -17.57
CA PHE A 200 10.99 -0.80 -17.64
C PHE A 200 9.86 0.10 -17.07
N LEU A 201 10.00 0.58 -15.82
CA LEU A 201 9.04 1.44 -15.11
C LEU A 201 8.76 2.74 -15.86
N ILE A 202 9.79 3.31 -16.47
CA ILE A 202 9.66 4.54 -17.25
C ILE A 202 8.90 4.23 -18.55
N SER A 203 9.30 3.16 -19.27
CA SER A 203 8.68 2.71 -20.54
C SER A 203 7.16 2.55 -20.41
N ARG A 204 6.71 2.00 -19.25
CA ARG A 204 5.30 1.78 -18.94
C ARG A 204 4.64 3.08 -18.51
N ALA A 205 5.36 3.93 -17.76
CA ALA A 205 4.84 5.23 -17.29
C ALA A 205 4.50 6.18 -18.45
N CYS A 206 5.16 6.03 -19.61
CA CYS A 206 4.92 6.86 -20.80
C CYS A 206 3.63 6.45 -21.51
N LYS A 207 3.31 5.15 -21.50
CA LYS A 207 2.08 4.65 -22.13
C LYS A 207 0.85 4.88 -21.23
N ASN A 208 1.05 4.86 -19.90
CA ASN A 208 -0.02 4.99 -18.90
C ASN A 208 0.12 6.24 -18.03
N SER A 209 -0.90 7.11 -18.05
CA SER A 209 -1.01 8.38 -17.32
C SER A 209 -1.11 8.19 -15.79
N THR A 210 -1.90 7.19 -15.36
CA THR A 210 -2.15 6.83 -13.96
C THR A 210 -0.85 6.33 -13.31
N LEU A 211 -0.09 5.52 -14.06
CA LEU A 211 1.20 4.97 -13.66
C LEU A 211 2.26 6.06 -13.53
N ALA A 212 2.24 7.07 -14.43
CA ALA A 212 3.19 8.17 -14.43
C ALA A 212 3.02 9.01 -13.19
N ASN A 213 1.77 9.29 -12.80
CA ASN A 213 1.44 10.09 -11.62
C ASN A 213 2.08 9.47 -10.38
N TYR A 214 1.80 8.18 -10.12
CA TYR A 214 2.37 7.49 -8.96
C TYR A 214 3.88 7.31 -9.11
N LEU A 215 4.39 6.97 -10.30
CA LEU A 215 5.84 6.85 -10.47
C LEU A 215 6.50 8.18 -10.10
N TYR A 216 5.93 9.31 -10.57
CA TYR A 216 6.43 10.64 -10.25
C TYR A 216 6.47 10.89 -8.75
N TRP A 217 5.29 10.95 -8.09
CA TRP A 217 5.21 11.21 -6.67
C TRP A 217 5.98 10.22 -5.79
N TYR A 218 6.01 8.92 -6.16
CA TYR A 218 6.79 7.96 -5.39
C TYR A 218 8.28 8.28 -5.46
N VAL A 219 8.81 8.56 -6.66
CA VAL A 219 10.21 8.93 -6.88
C VAL A 219 10.53 10.31 -6.27
N ILE A 220 9.58 11.28 -6.27
CA ILE A 220 9.85 12.62 -5.70
C ILE A 220 10.03 12.57 -4.14
N VAL A 221 9.26 11.71 -3.46
CA VAL A 221 9.31 11.54 -2.01
C VAL A 221 10.65 10.87 -1.61
N GLU A 222 11.13 9.93 -2.46
CA GLU A 222 12.38 9.21 -2.30
C GLU A 222 13.58 10.17 -2.39
N CYS A 223 13.52 11.15 -3.32
CA CYS A 223 14.52 12.20 -3.52
C CYS A 223 14.47 13.16 -2.33
N GLU A 224 13.24 13.40 -1.81
CA GLU A 224 12.94 14.29 -0.69
C GLU A 224 13.35 13.68 0.67
N ASP A 225 13.66 12.35 0.73
CA ASP A 225 14.04 11.68 1.99
C ASP A 225 15.41 12.16 2.43
N GLN A 226 15.43 12.95 3.51
CA GLN A 226 16.64 13.54 4.09
C GLN A 226 17.51 12.49 4.79
N ASP A 227 16.89 11.44 5.38
CA ASP A 227 17.64 10.35 6.01
C ASP A 227 18.50 9.67 4.95
N THR A 228 17.89 9.33 3.79
CA THR A 228 18.55 8.72 2.65
C THR A 228 19.66 9.65 2.13
N GLN A 229 19.44 10.97 2.18
CA GLN A 229 20.42 11.97 1.73
C GLN A 229 21.66 12.04 2.65
N GLN A 230 21.43 11.95 3.97
CA GLN A 230 22.49 12.02 4.97
C GLN A 230 23.24 10.71 5.11
N ARG A 231 22.50 9.58 5.04
CA ARG A 231 23.03 8.24 5.28
C ARG A 231 23.35 7.37 4.04
N ASP A 232 22.80 7.68 2.85
CA ASP A 232 23.06 6.90 1.64
C ASP A 232 23.08 7.81 0.40
N PRO A 233 24.16 8.61 0.21
CA PRO A 233 24.20 9.55 -0.92
C PRO A 233 24.12 8.91 -2.29
N LYS A 234 24.72 7.72 -2.47
CA LYS A 234 24.70 6.99 -3.74
C LYS A 234 23.25 6.65 -4.16
N THR A 235 22.37 6.34 -3.18
CA THR A 235 20.95 6.03 -3.34
C THR A 235 20.16 7.25 -3.79
N HIS A 236 20.39 8.40 -3.11
CA HIS A 236 19.75 9.68 -3.40
C HIS A 236 20.13 10.16 -4.80
N GLU A 237 21.41 9.97 -5.20
CA GLU A 237 21.94 10.33 -6.53
C GLU A 237 21.22 9.52 -7.59
N MET A 238 20.90 8.23 -7.26
CA MET A 238 20.20 7.29 -8.13
C MET A 238 18.76 7.76 -8.36
N TYR A 239 17.99 8.04 -7.27
CA TYR A 239 16.60 8.49 -7.36
C TYR A 239 16.44 9.76 -8.18
N LEU A 240 17.45 10.66 -8.10
CA LEU A 240 17.52 11.88 -8.89
C LEU A 240 17.73 11.50 -10.34
N ASN A 241 18.59 10.48 -10.61
CA ASN A 241 18.83 10.01 -11.98
C ASN A 241 17.60 9.31 -12.58
N VAL A 242 16.76 8.70 -11.71
CA VAL A 242 15.50 8.07 -12.10
C VAL A 242 14.55 9.17 -12.56
N MET A 243 14.39 10.25 -11.74
CA MET A 243 13.53 11.41 -12.04
C MET A 243 14.00 12.13 -13.29
N ARG A 244 15.35 12.31 -13.41
CA ARG A 244 16.05 12.93 -14.54
C ARG A 244 15.82 12.13 -15.81
N ARG A 245 15.88 10.77 -15.72
CA ARG A 245 15.66 9.86 -16.84
C ARG A 245 14.18 9.78 -17.21
N PHE A 246 13.29 10.01 -16.20
CA PHE A 246 11.84 10.01 -16.36
C PHE A 246 11.49 11.26 -17.16
N SER A 247 11.95 12.45 -16.69
CA SER A 247 11.72 13.75 -17.33
C SER A 247 12.20 13.73 -18.78
N GLN A 248 13.41 13.21 -19.01
CA GLN A 248 14.07 13.09 -20.30
C GLN A 248 13.25 12.26 -21.30
N ALA A 249 12.74 11.10 -20.85
CA ALA A 249 11.97 10.17 -21.66
C ALA A 249 10.63 10.74 -22.05
N LEU A 250 9.99 11.52 -21.13
CA LEU A 250 8.70 12.16 -21.42
C LEU A 250 8.87 13.20 -22.52
N LEU A 251 9.99 13.96 -22.47
CA LEU A 251 10.32 14.98 -23.47
C LEU A 251 10.58 14.44 -24.88
N LYS A 252 11.01 13.17 -24.99
CA LYS A 252 11.29 12.53 -26.30
C LYS A 252 10.02 11.96 -26.94
N GLY A 253 8.93 11.90 -26.19
CA GLY A 253 7.68 11.29 -26.64
C GLY A 253 6.80 12.12 -27.54
N ASP A 254 5.60 11.58 -27.85
CA ASP A 254 4.58 12.19 -28.71
C ASP A 254 3.79 13.28 -27.99
N LYS A 255 2.91 14.00 -28.73
CA LYS A 255 2.08 15.11 -28.24
C LYS A 255 1.48 14.91 -26.83
N SER A 256 1.06 13.67 -26.48
CA SER A 256 0.45 13.33 -25.19
C SER A 256 1.47 13.07 -24.07
N VAL A 257 2.57 12.39 -24.40
CA VAL A 257 3.67 12.07 -23.49
C VAL A 257 4.31 13.40 -23.06
N ARG A 258 4.37 14.36 -23.98
CA ARG A 258 4.89 15.71 -23.74
C ARG A 258 3.92 16.51 -22.82
N VAL A 259 2.59 16.26 -22.93
CA VAL A 259 1.58 16.89 -22.09
C VAL A 259 1.59 16.25 -20.67
N MET A 260 1.96 14.95 -20.58
CA MET A 260 2.10 14.24 -19.31
C MET A 260 3.10 14.97 -18.43
N ARG A 261 4.22 15.44 -19.01
CA ARG A 261 5.26 16.19 -18.30
C ARG A 261 4.72 17.55 -17.83
N SER A 262 3.99 18.24 -18.68
CA SER A 262 3.38 19.52 -18.36
C SER A 262 2.38 19.37 -17.21
N LEU A 263 1.57 18.27 -17.25
CA LEU A 263 0.59 17.97 -16.22
C LEU A 263 1.23 17.66 -14.88
N LEU A 264 2.34 16.89 -14.88
CA LEU A 264 3.08 16.58 -13.65
C LEU A 264 3.66 17.88 -13.06
N ALA A 265 4.11 18.79 -13.94
CA ALA A 265 4.66 20.10 -13.57
C ALA A 265 3.59 20.94 -12.87
N ALA A 266 2.42 21.05 -13.50
CA ALA A 266 1.24 21.74 -12.99
C ALA A 266 0.83 21.19 -11.61
N GLN A 267 0.91 19.84 -11.42
CA GLN A 267 0.61 19.18 -10.15
C GLN A 267 1.66 19.57 -9.09
N GLN A 268 2.95 19.49 -9.45
CA GLN A 268 4.05 19.83 -8.56
C GLN A 268 3.91 21.27 -8.09
N THR A 269 3.66 22.21 -9.06
CA THR A 269 3.44 23.64 -8.84
C THR A 269 2.25 23.91 -7.89
N PHE A 270 1.13 23.15 -8.07
CA PHE A 270 -0.08 23.22 -7.25
C PHE A 270 0.23 22.82 -5.80
N VAL A 271 0.74 21.58 -5.60
CA VAL A 271 1.15 21.03 -4.31
C VAL A 271 2.06 22.06 -3.61
N ASP A 272 3.10 22.58 -4.33
CA ASP A 272 4.04 23.60 -3.86
C ASP A 272 3.29 24.83 -3.31
N ARG A 273 2.28 25.33 -4.03
CA ARG A 273 1.49 26.47 -3.58
C ARG A 273 0.60 26.11 -2.36
N LEU A 274 0.09 24.86 -2.30
CA LEU A 274 -0.73 24.36 -1.20
C LEU A 274 0.10 24.24 0.09
N VAL A 275 1.37 23.82 -0.04
CA VAL A 275 2.35 23.69 1.03
C VAL A 275 2.65 25.06 1.65
N HIS A 276 2.93 26.06 0.79
CA HIS A 276 3.20 27.44 1.18
C HIS A 276 2.02 28.00 1.96
N LEU A 277 0.79 27.75 1.46
CA LEU A 277 -0.50 28.12 2.06
C LEU A 277 -0.62 27.43 3.41
N MET A 278 -0.26 26.13 3.49
CA MET A 278 -0.34 25.35 4.74
C MET A 278 0.57 25.93 5.80
N LYS A 279 1.81 26.33 5.41
CA LYS A 279 2.81 26.94 6.30
C LYS A 279 2.29 28.27 6.86
N ALA A 280 1.62 29.08 6.03
CA ALA A 280 1.08 30.39 6.41
C ALA A 280 -0.04 30.25 7.43
N VAL A 281 -0.93 29.25 7.24
CA VAL A 281 -2.07 28.95 8.10
C VAL A 281 -1.57 28.38 9.43
N GLN A 282 -0.60 27.45 9.39
CA GLN A 282 0.00 26.82 10.58
C GLN A 282 0.77 27.84 11.45
N ARG A 283 1.28 28.92 10.82
CA ARG A 283 1.99 30.00 11.50
C ARG A 283 1.01 31.04 12.06
N GLU A 284 -0.19 31.18 11.44
CA GLU A 284 -1.24 32.14 11.83
C GLU A 284 -1.53 32.16 13.34
N SER A 285 -1.29 33.34 13.95
CA SER A 285 -1.50 33.56 15.39
C SER A 285 -3.00 33.72 15.66
N GLY A 286 -3.53 32.82 16.49
CA GLY A 286 -4.94 32.81 16.85
C GLY A 286 -5.53 31.42 16.95
N ASN A 287 -6.87 31.35 17.19
CA ASN A 287 -7.60 30.10 17.34
C ASN A 287 -7.92 29.44 15.98
N ARG A 288 -8.56 28.24 15.99
CA ARG A 288 -8.95 27.47 14.80
C ARG A 288 -9.80 28.31 13.82
N LYS A 289 -10.64 29.24 14.36
CA LYS A 289 -11.46 30.18 13.59
C LYS A 289 -10.55 31.13 12.79
N LYS A 290 -9.55 31.77 13.47
CA LYS A 290 -8.58 32.70 12.87
C LYS A 290 -7.79 32.01 11.74
N LYS A 291 -7.39 30.73 11.98
CA LYS A 291 -6.65 29.88 11.04
C LYS A 291 -7.52 29.48 9.83
N ASN A 292 -8.79 29.09 10.08
CA ASN A 292 -9.75 28.76 9.03
C ASN A 292 -10.07 29.99 8.18
N GLU A 293 -10.17 31.18 8.80
CA GLU A 293 -10.44 32.42 8.08
C GLU A 293 -9.29 32.76 7.14
N ARG A 294 -8.02 32.60 7.60
CA ARG A 294 -6.82 32.82 6.78
C ARG A 294 -6.71 31.75 5.69
N LEU A 295 -7.11 30.50 6.01
CA LEU A 295 -7.13 29.36 5.07
C LEU A 295 -8.11 29.66 3.94
N GLN A 296 -9.33 30.14 4.29
CA GLN A 296 -10.39 30.50 3.33
C GLN A 296 -10.02 31.75 2.54
N ALA A 297 -9.38 32.74 3.21
CA ALA A 297 -8.94 34.01 2.62
C ALA A 297 -7.92 33.80 1.51
N LEU A 298 -6.86 33.01 1.81
CA LEU A 298 -5.76 32.73 0.88
C LEU A 298 -6.19 31.88 -0.30
N LEU A 299 -7.05 30.85 -0.08
CA LEU A 299 -7.56 30.02 -1.18
C LEU A 299 -8.41 30.83 -2.16
N GLY A 300 -9.23 31.74 -1.63
CA GLY A 300 -10.09 32.65 -2.39
C GLY A 300 -9.36 33.58 -3.33
N ASP A 301 -8.19 34.11 -2.89
CA ASP A 301 -7.34 35.01 -3.67
C ASP A 301 -6.58 34.21 -4.73
N ASN A 302 -7.26 33.89 -5.84
CA ASN A 302 -6.69 33.09 -6.93
C ASN A 302 -5.49 33.74 -7.60
N GLU A 303 -5.52 35.06 -7.86
CA GLU A 303 -4.39 35.76 -8.50
C GLU A 303 -3.09 35.66 -7.69
N LYS A 304 -3.20 35.64 -6.35
CA LYS A 304 -2.07 35.54 -5.41
C LYS A 304 -1.65 34.09 -5.13
N MET A 305 -2.61 33.14 -4.98
CA MET A 305 -2.27 31.76 -4.63
C MET A 305 -2.41 30.73 -5.76
N ASN A 306 -3.38 30.94 -6.68
CA ASN A 306 -3.66 30.09 -7.85
C ASN A 306 -4.01 28.65 -7.48
N LEU A 307 -4.99 28.50 -6.55
CA LEU A 307 -5.43 27.20 -6.07
C LEU A 307 -6.95 26.97 -6.15
N SER A 308 -7.73 28.01 -6.49
CA SER A 308 -9.20 27.89 -6.60
C SER A 308 -9.69 27.80 -8.04
N ASP A 309 -8.99 28.47 -8.97
CA ASP A 309 -9.30 28.41 -10.40
C ASP A 309 -8.03 28.00 -11.15
N VAL A 310 -8.00 26.75 -11.63
CA VAL A 310 -6.90 26.16 -12.40
C VAL A 310 -7.45 25.33 -13.54
N GLU A 311 -6.64 25.13 -14.60
CA GLU A 311 -6.97 24.27 -15.74
C GLU A 311 -6.95 22.84 -15.25
N LEU A 312 -7.65 21.93 -15.95
CA LEU A 312 -7.75 20.52 -15.54
C LEU A 312 -6.40 19.81 -15.45
N ILE A 313 -5.99 19.54 -14.19
CA ILE A 313 -4.79 18.81 -13.81
C ILE A 313 -5.28 17.57 -13.04
N PRO A 314 -4.58 16.42 -13.12
CA PRO A 314 -5.04 15.24 -12.37
C PRO A 314 -4.81 15.41 -10.89
N LEU A 315 -5.73 14.89 -10.05
CA LEU A 315 -5.56 14.96 -8.60
C LEU A 315 -4.42 14.00 -8.24
N PRO A 316 -3.30 14.45 -7.63
CA PRO A 316 -2.19 13.52 -7.34
C PRO A 316 -2.63 12.25 -6.60
N LEU A 317 -3.58 12.39 -5.68
CA LEU A 317 -4.10 11.32 -4.83
C LEU A 317 -4.78 10.18 -5.60
N GLU A 318 -5.54 10.52 -6.67
CA GLU A 318 -6.25 9.63 -7.57
C GLU A 318 -6.25 10.36 -8.95
N PRO A 319 -5.21 10.13 -9.83
CA PRO A 319 -5.10 10.89 -11.09
C PRO A 319 -6.26 10.76 -12.08
N GLN A 320 -7.14 9.76 -11.90
CA GLN A 320 -8.31 9.53 -12.77
C GLN A 320 -9.36 10.63 -12.56
N VAL A 321 -9.25 11.37 -11.44
CA VAL A 321 -10.11 12.48 -11.07
C VAL A 321 -9.34 13.75 -11.42
N LYS A 322 -9.83 14.51 -12.42
CA LYS A 322 -9.20 15.76 -12.85
C LYS A 322 -9.84 16.90 -12.05
N ILE A 323 -9.01 17.85 -11.57
CA ILE A 323 -9.51 18.96 -10.75
C ILE A 323 -9.33 20.33 -11.38
N ARG A 324 -10.28 21.24 -11.05
CA ARG A 324 -10.36 22.65 -11.50
C ARG A 324 -9.96 23.62 -10.36
N GLY A 325 -9.55 23.08 -9.22
CA GLY A 325 -9.14 23.86 -8.06
C GLY A 325 -9.81 23.47 -6.76
N ILE A 326 -9.58 24.26 -5.70
CA ILE A 326 -10.15 24.04 -4.36
C ILE A 326 -11.25 25.07 -4.03
N ILE A 327 -12.40 24.61 -3.48
CA ILE A 327 -13.46 25.50 -3.03
C ILE A 327 -12.94 26.25 -1.78
N PRO A 328 -12.81 27.59 -1.82
CA PRO A 328 -12.30 28.32 -0.65
C PRO A 328 -13.18 28.17 0.61
N GLU A 329 -14.49 28.40 0.50
CA GLU A 329 -15.51 28.36 1.56
C GLU A 329 -15.44 27.13 2.50
N THR A 330 -15.74 25.93 1.97
CA THR A 330 -15.79 24.64 2.67
C THR A 330 -14.44 24.17 3.32
N ALA A 331 -13.33 24.90 3.09
CA ALA A 331 -12.01 24.58 3.64
C ALA A 331 -11.87 24.98 5.12
N THR A 332 -11.62 23.96 5.98
CA THR A 332 -11.47 24.07 7.43
C THR A 332 -10.34 23.18 7.93
N LEU A 333 -9.78 23.53 9.10
CA LEU A 333 -8.75 22.73 9.74
C LEU A 333 -9.40 21.76 10.70
N PHE A 334 -8.87 20.54 10.76
CA PHE A 334 -9.35 19.55 11.70
C PHE A 334 -8.83 20.00 13.06
N LYS A 335 -9.63 19.84 14.12
CA LYS A 335 -9.30 20.22 15.51
C LYS A 335 -7.86 19.82 15.92
N SER A 336 -7.37 18.65 15.41
CA SER A 336 -6.04 18.07 15.63
C SER A 336 -4.90 19.07 15.68
N ALA A 337 -3.96 18.83 16.61
CA ALA A 337 -2.78 19.66 16.86
C ALA A 337 -1.78 19.68 15.68
N LEU A 338 -1.83 18.65 14.81
CA LEU A 338 -0.99 18.51 13.62
C LEU A 338 -1.44 19.52 12.56
N MET A 339 -2.62 20.16 12.78
CA MET A 339 -3.28 21.15 11.92
C MET A 339 -3.57 20.62 10.49
N PRO A 340 -4.25 19.45 10.29
CA PRO A 340 -4.54 19.02 8.92
C PRO A 340 -5.75 19.79 8.37
N ALA A 341 -5.82 19.96 7.04
CA ALA A 341 -6.95 20.67 6.45
C ALA A 341 -7.90 19.74 5.69
N GLN A 342 -9.21 20.09 5.64
CA GLN A 342 -10.21 19.40 4.85
C GLN A 342 -10.43 20.29 3.63
N LEU A 343 -10.14 19.75 2.43
CA LEU A 343 -10.22 20.52 1.18
C LEU A 343 -11.12 19.84 0.20
N PHE A 344 -12.11 20.60 -0.31
CA PHE A 344 -13.06 20.11 -1.30
C PHE A 344 -12.66 20.58 -2.68
N PHE A 345 -11.95 19.72 -3.42
CA PHE A 345 -11.51 19.98 -4.79
C PHE A 345 -12.72 19.95 -5.69
N LYS A 346 -12.78 20.88 -6.68
CA LYS A 346 -13.86 20.91 -7.68
C LYS A 346 -13.37 19.98 -8.77
N THR A 347 -14.13 18.92 -9.05
CA THR A 347 -13.72 17.96 -10.08
C THR A 347 -14.22 18.36 -11.45
N GLU A 348 -13.70 17.68 -12.48
CA GLU A 348 -13.99 17.81 -13.90
C GLU A 348 -15.50 17.83 -14.18
N ASP A 349 -16.25 16.94 -13.55
CA ASP A 349 -17.69 16.83 -13.80
C ASP A 349 -18.55 17.26 -12.60
N GLY A 350 -18.34 18.49 -12.14
CA GLY A 350 -19.12 19.12 -11.06
C GLY A 350 -19.12 18.46 -9.69
N GLY A 351 -18.42 17.35 -9.55
CA GLY A 351 -18.32 16.64 -8.29
C GLY A 351 -17.38 17.35 -7.32
N LYS A 352 -17.48 16.98 -6.03
CA LYS A 352 -16.63 17.49 -4.96
C LYS A 352 -15.84 16.32 -4.44
N TYR A 353 -14.51 16.47 -4.39
CA TYR A 353 -13.63 15.43 -3.91
C TYR A 353 -13.00 15.90 -2.62
N PRO A 354 -13.53 15.52 -1.44
CA PRO A 354 -12.91 15.95 -0.20
C PRO A 354 -11.60 15.22 0.07
N VAL A 355 -10.56 15.96 0.47
CA VAL A 355 -9.23 15.41 0.80
C VAL A 355 -8.79 15.88 2.17
N ILE A 356 -7.84 15.15 2.77
CA ILE A 356 -7.18 15.52 4.02
C ILE A 356 -5.77 15.91 3.58
N PHE A 357 -5.44 17.18 3.69
CA PHE A 357 -4.08 17.55 3.39
C PHE A 357 -3.30 17.72 4.68
N LYS A 358 -2.31 16.87 4.88
CA LYS A 358 -1.47 16.90 6.07
C LYS A 358 -0.16 17.58 5.74
N HIS A 359 0.31 18.44 6.63
CA HIS A 359 1.57 19.15 6.51
C HIS A 359 2.33 19.13 7.84
N GLY A 360 3.58 18.68 7.76
CA GLY A 360 4.46 18.54 8.92
C GLY A 360 4.36 17.17 9.53
N ASP A 361 4.03 16.15 8.70
CA ASP A 361 3.88 14.74 9.10
C ASP A 361 4.29 13.77 7.98
N ASP A 362 4.81 12.56 8.34
CA ASP A 362 5.16 11.55 7.35
C ASP A 362 4.02 10.56 7.20
N LEU A 363 3.42 10.52 6.00
CA LEU A 363 2.26 9.68 5.68
C LEU A 363 2.63 8.37 5.00
N ARG A 364 3.95 8.06 4.87
CA ARG A 364 4.40 6.83 4.22
C ARG A 364 3.98 5.51 4.94
N GLN A 365 3.80 5.52 6.29
CA GLN A 365 3.34 4.31 7.01
C GLN A 365 1.86 4.04 6.67
N ASP A 366 1.01 5.11 6.69
CA ASP A 366 -0.41 5.04 6.31
C ASP A 366 -0.50 4.75 4.82
N GLN A 367 0.41 5.34 4.01
CA GLN A 367 0.46 5.12 2.57
C GLN A 367 0.72 3.63 2.29
N LEU A 368 1.68 3.03 3.00
CA LEU A 368 1.95 1.61 2.80
C LEU A 368 0.75 0.74 3.18
N ILE A 369 0.23 0.91 4.41
CA ILE A 369 -0.88 0.13 4.94
C ILE A 369 -2.13 0.22 4.05
N LEU A 370 -2.51 1.43 3.60
CA LEU A 370 -3.66 1.62 2.73
C LEU A 370 -3.46 1.05 1.32
N GLN A 371 -2.19 0.86 0.86
CA GLN A 371 -1.97 0.26 -0.45
C GLN A 371 -2.05 -1.25 -0.34
N ILE A 372 -1.73 -1.79 0.86
CA ILE A 372 -1.82 -3.22 1.19
C ILE A 372 -3.27 -3.56 1.46
N ILE A 373 -4.05 -2.65 2.11
CA ILE A 373 -5.49 -2.89 2.33
C ILE A 373 -6.19 -2.97 0.95
N SER A 374 -5.87 -2.02 0.04
CA SER A 374 -6.35 -1.98 -1.34
C SER A 374 -5.96 -3.26 -2.09
N LEU A 375 -4.74 -3.78 -1.85
CA LEU A 375 -4.30 -5.03 -2.47
C LEU A 375 -5.16 -6.21 -1.89
N MET A 376 -5.20 -6.36 -0.55
CA MET A 376 -5.96 -7.40 0.15
C MET A 376 -7.44 -7.38 -0.26
N ASP A 377 -8.01 -6.17 -0.49
CA ASP A 377 -9.39 -6.02 -0.95
C ASP A 377 -9.50 -6.55 -2.37
N LYS A 378 -8.59 -6.13 -3.28
CA LYS A 378 -8.55 -6.59 -4.68
C LYS A 378 -8.43 -8.11 -4.78
N LEU A 379 -7.58 -8.75 -3.95
CA LEU A 379 -7.43 -10.22 -3.96
C LEU A 379 -8.67 -10.95 -3.43
N LEU A 380 -9.33 -10.35 -2.41
CA LEU A 380 -10.55 -10.90 -1.83
C LEU A 380 -11.71 -10.88 -2.85
N ARG A 381 -11.81 -9.76 -3.60
CA ARG A 381 -12.78 -9.52 -4.67
C ARG A 381 -12.56 -10.49 -5.82
N LYS A 382 -11.30 -10.77 -6.14
CA LYS A 382 -10.84 -11.68 -7.19
C LYS A 382 -11.33 -13.11 -6.90
N GLU A 383 -11.37 -13.50 -5.61
CA GLU A 383 -11.81 -14.81 -5.13
C GLU A 383 -13.31 -14.82 -4.86
N ASN A 384 -14.02 -13.78 -5.36
CA ASN A 384 -15.47 -13.54 -5.27
C ASN A 384 -15.94 -13.29 -3.83
N LEU A 385 -15.28 -12.35 -3.13
CA LEU A 385 -15.67 -11.95 -1.79
C LEU A 385 -15.44 -10.44 -1.64
N ASP A 386 -16.54 -9.67 -1.69
CA ASP A 386 -16.48 -8.21 -1.52
C ASP A 386 -17.03 -7.91 -0.13
N LEU A 387 -16.14 -7.54 0.79
CA LEU A 387 -16.54 -7.32 2.18
C LEU A 387 -16.81 -5.86 2.53
N LYS A 388 -17.09 -5.02 1.50
CA LYS A 388 -17.42 -3.59 1.63
C LYS A 388 -16.35 -2.83 2.41
N LEU A 389 -15.09 -3.02 2.01
CA LEU A 389 -13.92 -2.39 2.62
C LEU A 389 -13.76 -0.99 2.05
N THR A 390 -13.09 -0.10 2.82
CA THR A 390 -12.87 1.28 2.43
C THR A 390 -11.36 1.48 2.21
N PRO A 391 -10.75 0.94 1.11
CA PRO A 391 -9.32 1.17 0.92
C PRO A 391 -9.10 2.56 0.31
N TYR A 392 -9.38 3.64 1.12
CA TYR A 392 -9.24 5.03 0.72
C TYR A 392 -7.79 5.31 0.34
N LYS A 393 -7.62 6.19 -0.65
CA LYS A 393 -6.30 6.53 -1.16
C LYS A 393 -5.52 7.42 -0.19
N VAL A 394 -4.18 7.22 -0.14
CA VAL A 394 -3.21 8.01 0.64
C VAL A 394 -1.99 8.17 -0.26
N LEU A 395 -1.54 9.39 -0.48
CA LEU A 395 -0.33 9.62 -1.27
C LEU A 395 0.53 10.71 -0.64
N ALA A 396 1.72 10.34 -0.16
CA ALA A 396 2.68 11.30 0.38
C ALA A 396 3.22 12.12 -0.81
N THR A 397 3.22 13.46 -0.68
CA THR A 397 3.71 14.37 -1.72
C THR A 397 5.15 14.80 -1.38
N SER A 398 5.63 14.37 -0.21
CA SER A 398 6.95 14.61 0.38
C SER A 398 7.01 13.78 1.66
N THR A 399 8.15 13.79 2.34
CA THR A 399 8.29 13.10 3.63
C THR A 399 7.55 13.93 4.70
N LYS A 400 7.35 15.21 4.40
CA LYS A 400 6.76 16.25 5.22
C LYS A 400 5.26 16.43 5.01
N HIS A 401 4.72 16.04 3.83
CA HIS A 401 3.29 16.23 3.54
C HIS A 401 2.68 15.23 2.56
N GLY A 402 1.35 15.23 2.45
CA GLY A 402 0.62 14.32 1.58
C GLY A 402 -0.88 14.40 1.66
N PHE A 403 -1.56 13.67 0.76
CA PHE A 403 -3.03 13.63 0.63
C PHE A 403 -3.62 12.33 1.14
N MET A 404 -4.89 12.40 1.55
CA MET A 404 -5.73 11.29 2.01
C MET A 404 -7.15 11.50 1.44
N GLN A 405 -7.79 10.42 0.92
CA GLN A 405 -9.14 10.48 0.37
C GLN A 405 -10.13 10.46 1.50
N PHE A 406 -10.87 11.58 1.66
CA PHE A 406 -11.86 11.70 2.71
C PHE A 406 -13.17 10.97 2.36
N ILE A 407 -13.59 10.06 3.26
CA ILE A 407 -14.81 9.23 3.18
C ILE A 407 -15.75 9.72 4.28
N GLN A 408 -16.95 10.22 3.89
CA GLN A 408 -17.96 10.69 4.84
C GLN A 408 -18.41 9.57 5.75
N SER A 409 -18.01 9.67 7.01
CA SER A 409 -18.24 8.68 8.05
C SER A 409 -18.13 9.30 9.43
N VAL A 410 -18.69 8.64 10.43
CA VAL A 410 -18.68 9.08 11.83
C VAL A 410 -17.85 8.08 12.66
N PRO A 411 -16.91 8.51 13.54
CA PRO A 411 -16.21 7.54 14.39
C PRO A 411 -17.18 6.82 15.35
N VAL A 412 -17.02 5.48 15.49
CA VAL A 412 -17.81 4.56 16.33
C VAL A 412 -18.07 5.17 17.72
N ALA A 413 -17.06 5.89 18.30
CA ALA A 413 -17.15 6.59 19.59
C ALA A 413 -18.25 7.64 19.56
N GLU A 414 -18.28 8.49 18.50
CA GLU A 414 -19.31 9.52 18.33
C GLU A 414 -20.66 8.86 18.07
N VAL A 415 -20.68 7.74 17.28
CA VAL A 415 -21.87 6.94 16.95
C VAL A 415 -22.56 6.44 18.24
N LEU A 416 -21.74 6.14 19.26
CA LEU A 416 -22.13 5.68 20.59
C LEU A 416 -22.62 6.85 21.47
N ASP A 417 -22.04 8.05 21.32
CA ASP A 417 -22.43 9.22 22.13
C ASP A 417 -23.68 9.92 21.60
N THR A 418 -23.77 10.09 20.29
CA THR A 418 -24.87 10.80 19.65
C THR A 418 -26.14 9.95 19.47
N GLU A 419 -26.03 8.59 19.56
CA GLU A 419 -27.18 7.73 19.34
C GLU A 419 -27.42 6.64 20.41
N GLY A 420 -26.35 6.20 21.07
CA GLY A 420 -26.43 5.17 22.11
C GLY A 420 -25.68 3.90 21.75
N SER A 421 -25.97 3.36 20.55
CA SER A 421 -25.35 2.16 20.02
C SER A 421 -25.27 2.21 18.47
N ILE A 422 -24.50 1.28 17.88
CA ILE A 422 -24.37 1.10 16.43
C ILE A 422 -25.75 0.76 15.84
N GLN A 423 -26.54 -0.06 16.57
CA GLN A 423 -27.90 -0.43 16.18
C GLN A 423 -28.84 0.78 16.27
N ASN A 424 -28.65 1.67 17.26
CA ASN A 424 -29.46 2.89 17.41
C ASN A 424 -29.17 3.88 16.27
N PHE A 425 -27.88 3.99 15.88
CA PHE A 425 -27.38 4.80 14.77
C PHE A 425 -28.02 4.29 13.47
N PHE A 426 -27.83 2.97 13.19
CA PHE A 426 -28.36 2.29 12.02
C PHE A 426 -29.88 2.29 11.94
N ARG A 427 -30.56 2.39 13.11
CA ARG A 427 -32.03 2.45 13.23
C ARG A 427 -32.53 3.81 12.71
N LYS A 428 -31.79 4.91 13.02
CA LYS A 428 -32.12 6.28 12.62
C LYS A 428 -31.90 6.53 11.12
N TYR A 429 -30.70 6.21 10.61
CA TYR A 429 -30.26 6.50 9.24
C TYR A 429 -30.56 5.42 8.21
N ALA A 430 -30.86 4.19 8.64
CA ALA A 430 -31.20 3.12 7.72
C ALA A 430 -32.31 2.25 8.30
N PRO A 431 -33.53 2.81 8.54
CA PRO A 431 -34.60 1.99 9.11
C PRO A 431 -35.27 1.08 8.09
N SER A 432 -35.76 -0.08 8.57
CA SER A 432 -36.49 -1.07 7.81
C SER A 432 -37.38 -1.84 8.79
N GLU A 433 -38.67 -2.05 8.47
CA GLU A 433 -39.58 -2.78 9.36
C GLU A 433 -39.22 -4.27 9.39
N ASN A 434 -39.19 -4.92 8.21
CA ASN A 434 -38.87 -6.34 8.04
C ASN A 434 -37.41 -6.68 8.30
N GLY A 435 -36.53 -5.68 8.22
CA GLY A 435 -35.10 -5.84 8.42
C GLY A 435 -34.65 -6.32 9.81
N PRO A 436 -33.42 -6.89 9.93
CA PRO A 436 -32.98 -7.39 11.24
C PRO A 436 -32.73 -6.28 12.26
N ASN A 437 -33.50 -6.32 13.37
CA ASN A 437 -33.51 -5.40 14.51
C ASN A 437 -33.94 -3.97 14.15
N GLY A 438 -34.76 -3.85 13.09
CA GLY A 438 -35.27 -2.57 12.63
C GLY A 438 -34.37 -1.82 11.67
N ILE A 439 -33.21 -2.42 11.35
CA ILE A 439 -32.19 -1.90 10.44
C ILE A 439 -32.37 -2.55 9.06
N SER A 440 -32.08 -1.77 8.00
CA SER A 440 -32.12 -2.25 6.61
C SER A 440 -31.15 -3.42 6.49
N ALA A 441 -31.59 -4.52 5.86
CA ALA A 441 -30.80 -5.74 5.67
C ALA A 441 -29.48 -5.52 4.93
N GLU A 442 -29.48 -4.67 3.88
CA GLU A 442 -28.28 -4.35 3.10
C GLU A 442 -27.22 -3.69 4.00
N VAL A 443 -27.64 -2.74 4.87
CA VAL A 443 -26.81 -2.03 5.85
C VAL A 443 -26.24 -3.02 6.87
N MET A 444 -27.02 -4.05 7.24
CA MET A 444 -26.53 -5.07 8.16
C MET A 444 -25.54 -6.02 7.46
N ASP A 445 -25.83 -6.40 6.19
CA ASP A 445 -24.96 -7.25 5.38
C ASP A 445 -23.62 -6.56 5.16
N THR A 446 -23.66 -5.25 4.85
CA THR A 446 -22.50 -4.39 4.67
C THR A 446 -21.69 -4.28 6.01
N TYR A 447 -22.40 -4.19 7.17
CA TYR A 447 -21.77 -4.08 8.48
C TYR A 447 -21.04 -5.37 8.88
N VAL A 448 -21.73 -6.52 8.76
CA VAL A 448 -21.19 -7.84 9.08
C VAL A 448 -19.94 -8.12 8.19
N LYS A 449 -20.05 -7.85 6.88
CA LYS A 449 -18.98 -8.06 5.90
C LYS A 449 -17.73 -7.23 6.20
N SER A 450 -17.88 -5.89 6.39
CA SER A 450 -16.76 -4.99 6.66
C SER A 450 -16.09 -5.26 7.99
N CYS A 451 -16.87 -5.59 9.05
CA CYS A 451 -16.33 -5.97 10.37
C CYS A 451 -15.41 -7.18 10.21
N ALA A 452 -15.90 -8.21 9.49
CA ALA A 452 -15.19 -9.44 9.22
C ALA A 452 -13.89 -9.18 8.46
N GLY A 453 -13.98 -8.35 7.41
CA GLY A 453 -12.86 -7.95 6.58
C GLY A 453 -11.74 -7.21 7.30
N TYR A 454 -12.12 -6.17 8.07
CA TYR A 454 -11.17 -5.37 8.86
C TYR A 454 -10.60 -6.13 10.05
N CYS A 455 -11.36 -7.06 10.66
CA CYS A 455 -10.85 -7.86 11.77
C CYS A 455 -9.68 -8.70 11.32
N VAL A 456 -9.78 -9.30 10.12
CA VAL A 456 -8.74 -10.15 9.54
C VAL A 456 -7.55 -9.29 9.06
N ILE A 457 -7.81 -8.26 8.25
CA ILE A 457 -6.82 -7.33 7.72
C ILE A 457 -6.03 -6.65 8.85
N THR A 458 -6.72 -6.02 9.84
CA THR A 458 -6.03 -5.36 10.96
C THR A 458 -5.28 -6.39 11.86
N TYR A 459 -5.72 -7.69 11.85
CA TYR A 459 -5.05 -8.77 12.60
C TYR A 459 -3.70 -9.15 11.93
N ILE A 460 -3.70 -9.37 10.60
CA ILE A 460 -2.53 -9.73 9.77
C ILE A 460 -1.48 -8.62 9.78
N LEU A 461 -1.92 -7.36 9.78
CA LEU A 461 -1.02 -6.20 9.77
C LEU A 461 -0.57 -5.78 11.18
N GLY A 462 -1.18 -6.35 12.21
CA GLY A 462 -0.88 -6.04 13.61
C GLY A 462 -1.11 -4.60 13.98
N VAL A 463 -2.23 -4.05 13.53
CA VAL A 463 -2.63 -2.64 13.75
C VAL A 463 -2.98 -2.35 15.22
N GLY A 464 -2.16 -1.51 15.87
CA GLY A 464 -2.34 -1.09 17.26
C GLY A 464 -3.03 0.25 17.36
N ASP A 465 -3.16 0.79 18.61
CA ASP A 465 -3.83 2.07 18.96
C ASP A 465 -5.24 2.09 18.36
N ARG A 466 -6.02 1.06 18.72
CA ARG A 466 -7.34 0.75 18.20
C ARG A 466 -8.50 1.25 19.04
N HIS A 467 -8.53 2.55 19.34
CA HIS A 467 -9.65 3.09 20.09
C HIS A 467 -10.85 3.34 19.16
N LEU A 468 -12.00 3.75 19.71
CA LEU A 468 -13.22 3.94 18.93
C LEU A 468 -13.29 5.29 18.15
N ASP A 469 -12.18 6.05 18.14
CA ASP A 469 -12.01 7.30 17.40
C ASP A 469 -11.27 7.00 16.11
N ASN A 470 -10.52 5.87 16.11
CA ASN A 470 -9.75 5.32 14.99
C ASN A 470 -10.59 4.32 14.17
N LEU A 471 -11.85 4.12 14.59
CA LEU A 471 -12.83 3.19 13.99
C LEU A 471 -14.03 3.96 13.51
N LEU A 472 -14.20 4.04 12.19
CA LEU A 472 -15.24 4.82 11.57
C LEU A 472 -16.37 3.97 10.98
N LEU A 473 -17.59 4.53 10.95
CA LEU A 473 -18.80 3.87 10.48
C LEU A 473 -19.57 4.73 9.48
N THR A 474 -20.23 4.08 8.51
CA THR A 474 -21.01 4.72 7.45
C THR A 474 -22.49 4.34 7.50
N LYS A 475 -23.37 5.31 7.21
CA LYS A 475 -24.83 5.16 7.17
C LYS A 475 -25.30 4.10 6.15
N THR A 476 -24.36 3.52 5.33
CA THR A 476 -24.63 2.43 4.37
C THR A 476 -24.23 1.08 4.98
N GLY A 477 -23.61 1.11 6.16
CA GLY A 477 -23.20 -0.06 6.91
C GLY A 477 -21.70 -0.25 7.08
N LYS A 478 -20.91 0.38 6.18
CA LYS A 478 -19.46 0.29 6.09
C LYS A 478 -18.69 0.68 7.33
N LEU A 479 -18.01 -0.31 7.94
CA LEU A 479 -17.09 -0.11 9.04
C LEU A 479 -15.66 -0.08 8.43
N PHE A 480 -14.73 0.70 9.03
CA PHE A 480 -13.34 0.81 8.60
C PHE A 480 -12.41 1.47 9.64
N HIS A 481 -11.12 1.16 9.53
CA HIS A 481 -10.08 1.68 10.40
C HIS A 481 -9.35 2.82 9.73
N ILE A 482 -8.82 3.77 10.56
CA ILE A 482 -8.05 4.96 10.16
C ILE A 482 -6.84 5.13 11.08
N ASP A 483 -5.93 6.08 10.76
CA ASP A 483 -4.73 6.42 11.54
C ASP A 483 -3.85 5.19 11.87
N PHE A 484 -2.95 4.80 10.95
CA PHE A 484 -2.09 3.63 11.12
C PHE A 484 -0.64 3.96 11.57
N GLY A 485 -0.52 4.68 12.69
CA GLY A 485 0.77 5.03 13.27
C GLY A 485 1.43 3.89 14.03
N TYR A 486 0.65 2.84 14.37
CA TYR A 486 1.10 1.65 15.09
C TYR A 486 0.65 0.41 14.33
N ILE A 487 1.63 -0.28 13.73
CA ILE A 487 1.44 -1.51 12.93
C ILE A 487 2.49 -2.56 13.35
N LEU A 488 2.43 -3.76 12.74
CA LEU A 488 3.35 -4.90 12.92
C LEU A 488 3.58 -5.34 14.38
N GLY A 489 2.55 -5.16 15.19
CA GLY A 489 2.56 -5.53 16.60
C GLY A 489 2.89 -4.41 17.56
N ARG A 490 3.03 -3.18 17.06
CA ARG A 490 3.32 -2.04 17.93
C ARG A 490 2.05 -1.52 18.60
N ASP A 491 2.20 -0.76 19.70
CA ASP A 491 1.10 -0.21 20.49
C ASP A 491 1.58 0.85 21.49
N PRO A 492 0.78 1.90 21.79
CA PRO A 492 1.21 2.86 22.83
C PRO A 492 1.08 2.31 24.26
N LYS A 493 0.40 1.14 24.44
CA LYS A 493 0.18 0.48 25.72
C LYS A 493 0.64 -0.99 25.73
N PRO A 494 1.32 -1.48 26.81
CA PRO A 494 1.77 -2.89 26.83
C PRO A 494 0.65 -3.93 26.78
N LEU A 495 1.01 -5.17 26.38
CA LEU A 495 0.12 -6.34 26.23
C LEU A 495 -1.13 -6.01 25.35
N PRO A 496 -0.96 -5.78 24.03
CA PRO A 496 -2.12 -5.47 23.18
C PRO A 496 -2.86 -6.71 22.64
N PRO A 497 -4.18 -6.62 22.37
CA PRO A 497 -4.89 -7.80 21.81
C PRO A 497 -4.57 -8.09 20.33
N PRO A 498 -4.33 -9.37 19.95
CA PRO A 498 -4.05 -9.67 18.52
C PRO A 498 -5.27 -9.50 17.61
N MET A 499 -6.48 -9.89 18.11
CA MET A 499 -7.78 -9.74 17.45
C MET A 499 -8.41 -8.44 17.96
N LYS A 500 -8.67 -7.48 17.06
CA LYS A 500 -9.16 -6.15 17.45
C LYS A 500 -10.69 -5.96 17.28
N LEU A 501 -11.46 -6.61 18.20
CA LEU A 501 -12.92 -6.55 18.32
C LEU A 501 -13.34 -5.78 19.58
N ASN A 502 -14.62 -5.35 19.63
CA ASN A 502 -15.18 -4.58 20.74
C ASN A 502 -16.57 -5.10 21.12
N LYS A 503 -16.96 -4.87 22.39
CA LYS A 503 -18.27 -5.25 22.97
C LYS A 503 -19.40 -4.65 22.13
N GLU A 504 -19.26 -3.37 21.76
CA GLU A 504 -20.24 -2.63 20.98
C GLU A 504 -20.30 -3.09 19.51
N MET A 505 -19.16 -3.52 18.93
CA MET A 505 -19.06 -4.02 17.54
C MET A 505 -20.00 -5.21 17.34
N VAL A 506 -19.96 -6.16 18.29
CA VAL A 506 -20.77 -7.38 18.34
C VAL A 506 -22.24 -7.02 18.60
N GLU A 507 -22.48 -6.06 19.52
CA GLU A 507 -23.80 -5.56 19.87
C GLU A 507 -24.50 -4.94 18.65
N GLY A 508 -23.72 -4.29 17.79
CA GLY A 508 -24.20 -3.70 16.54
C GLY A 508 -24.69 -4.74 15.54
N MET A 509 -24.12 -5.98 15.63
CA MET A 509 -24.48 -7.16 14.83
C MET A 509 -25.76 -7.82 15.40
N GLY A 510 -26.12 -7.44 16.62
CA GLY A 510 -27.29 -7.92 17.33
C GLY A 510 -27.00 -9.00 18.35
N GLY A 511 -25.80 -8.96 18.93
CA GLY A 511 -25.36 -9.92 19.92
C GLY A 511 -24.68 -11.16 19.39
N THR A 512 -24.14 -11.97 20.32
CA THR A 512 -23.39 -13.21 20.05
C THR A 512 -24.25 -14.39 19.61
N GLN A 513 -25.55 -14.38 19.95
CA GLN A 513 -26.41 -15.50 19.59
C GLN A 513 -27.16 -15.28 18.25
N SER A 514 -26.74 -14.26 17.48
CA SER A 514 -27.34 -13.86 16.21
C SER A 514 -26.83 -14.64 14.97
N GLU A 515 -27.66 -14.68 13.90
CA GLU A 515 -27.32 -15.29 12.61
C GLU A 515 -26.18 -14.45 12.01
N GLN A 516 -26.27 -13.09 12.15
CA GLN A 516 -25.28 -12.08 11.71
C GLN A 516 -23.92 -12.40 12.32
N TYR A 517 -23.88 -12.70 13.64
CA TYR A 517 -22.64 -13.09 14.33
C TYR A 517 -22.02 -14.35 13.74
N GLN A 518 -22.85 -15.32 13.32
CA GLN A 518 -22.40 -16.55 12.67
C GLN A 518 -21.78 -16.23 11.30
N GLU A 519 -22.41 -15.32 10.54
CA GLU A 519 -21.93 -14.88 9.24
C GLU A 519 -20.62 -14.09 9.41
N PHE A 520 -20.51 -13.27 10.50
CA PHE A 520 -19.29 -12.53 10.84
C PHE A 520 -18.11 -13.50 10.99
N ARG A 521 -18.32 -14.58 11.78
CA ARG A 521 -17.40 -15.68 12.02
C ARG A 521 -17.05 -16.37 10.68
N LYS A 522 -18.10 -16.69 9.87
CA LYS A 522 -17.97 -17.36 8.57
C LYS A 522 -17.12 -16.54 7.61
N GLN A 523 -17.35 -15.22 7.57
CA GLN A 523 -16.60 -14.30 6.69
C GLN A 523 -15.19 -14.03 7.19
N CYS A 524 -14.93 -14.23 8.50
CA CYS A 524 -13.63 -14.04 9.10
C CYS A 524 -12.69 -15.18 8.68
N TYR A 525 -13.11 -16.44 8.88
CA TYR A 525 -12.29 -17.58 8.53
C TYR A 525 -12.15 -17.77 7.00
N THR A 526 -13.13 -17.31 6.19
CA THR A 526 -13.08 -17.42 4.73
C THR A 526 -12.07 -16.41 4.15
N ALA A 527 -12.07 -15.17 4.66
CA ALA A 527 -11.14 -14.12 4.25
C ALA A 527 -9.71 -14.49 4.65
N PHE A 528 -9.57 -15.25 5.79
CA PHE A 528 -8.29 -15.73 6.29
C PHE A 528 -7.67 -16.76 5.34
N LEU A 529 -8.49 -17.73 4.86
CA LEU A 529 -8.02 -18.76 3.94
C LEU A 529 -7.58 -18.16 2.61
N HIS A 530 -8.32 -17.18 2.11
CA HIS A 530 -8.00 -16.53 0.84
C HIS A 530 -6.71 -15.73 0.94
N LEU A 531 -6.55 -14.94 2.02
CA LEU A 531 -5.38 -14.11 2.19
C LEU A 531 -4.12 -14.93 2.42
N ARG A 532 -4.27 -16.16 2.95
CA ARG A 532 -3.16 -17.12 3.16
C ARG A 532 -2.67 -17.63 1.78
N ARG A 533 -3.59 -17.77 0.81
CA ARG A 533 -3.33 -18.25 -0.55
C ARG A 533 -2.43 -17.29 -1.31
N TYR A 534 -2.51 -15.99 -1.01
CA TYR A 534 -1.72 -14.93 -1.63
C TYR A 534 -0.55 -14.43 -0.74
N SER A 535 -0.15 -15.25 0.27
CA SER A 535 0.92 -14.94 1.21
C SER A 535 2.27 -14.79 0.51
N ASN A 536 2.51 -15.55 -0.58
CA ASN A 536 3.75 -15.40 -1.33
C ASN A 536 3.85 -14.03 -1.95
N LEU A 537 2.70 -13.47 -2.39
CA LEU A 537 2.61 -12.13 -2.95
C LEU A 537 2.71 -11.06 -1.86
N ILE A 538 1.97 -11.23 -0.75
CA ILE A 538 1.96 -10.25 0.37
C ILE A 538 3.35 -10.12 1.01
N LEU A 539 3.97 -11.27 1.37
CA LEU A 539 5.29 -11.35 2.02
C LEU A 539 6.46 -10.84 1.13
N ASN A 540 6.39 -11.02 -0.22
CA ASN A 540 7.40 -10.50 -1.18
C ASN A 540 7.33 -8.98 -1.25
N LEU A 541 6.10 -8.41 -1.21
CA LEU A 541 5.89 -6.95 -1.23
C LEU A 541 6.37 -6.33 0.07
N PHE A 542 6.08 -6.99 1.22
CA PHE A 542 6.56 -6.49 2.52
C PHE A 542 8.08 -6.61 2.59
N SER A 543 8.65 -7.66 1.93
CA SER A 543 10.08 -7.93 1.85
C SER A 543 10.80 -6.76 1.18
N LEU A 544 10.23 -6.25 0.08
CA LEU A 544 10.74 -5.08 -0.62
C LEU A 544 10.51 -3.76 0.17
N MET A 545 10.11 -3.80 1.47
CA MET A 545 9.86 -2.57 2.25
C MET A 545 10.79 -2.38 3.44
N VAL A 546 11.62 -3.39 3.76
CA VAL A 546 12.61 -3.43 4.86
C VAL A 546 13.49 -2.16 5.01
N ASP A 547 13.74 -1.43 3.91
CA ASP A 547 14.59 -0.24 3.90
C ASP A 547 13.83 1.02 3.45
N ALA A 548 12.49 0.98 3.53
CA ALA A 548 11.65 2.07 3.02
C ALA A 548 11.43 3.27 3.96
N ASN A 549 12.09 3.30 5.15
CA ASN A 549 11.98 4.39 6.14
C ASN A 549 10.55 4.58 6.70
N ILE A 550 9.86 3.46 6.95
CA ILE A 550 8.52 3.38 7.53
C ILE A 550 8.85 3.13 9.03
N PRO A 551 8.42 4.00 9.97
CA PRO A 551 8.84 3.89 11.39
C PRO A 551 8.75 2.52 12.06
N ASP A 552 7.65 1.80 11.85
CA ASP A 552 7.44 0.50 12.46
C ASP A 552 8.19 -0.61 11.72
N ILE A 553 8.61 -0.35 10.48
CA ILE A 553 9.43 -1.28 9.72
C ILE A 553 10.90 -1.04 10.10
N ALA A 554 11.31 0.24 10.13
CA ALA A 554 12.65 0.76 10.47
C ALA A 554 13.13 0.35 11.87
N LEU A 555 12.20 0.00 12.79
CA LEU A 555 12.53 -0.41 14.15
C LEU A 555 13.29 -1.75 14.19
N GLU A 556 12.77 -2.78 13.51
CA GLU A 556 13.40 -4.10 13.41
C GLU A 556 13.31 -4.53 11.94
N PRO A 557 14.09 -3.92 11.01
CA PRO A 557 13.95 -4.28 9.57
C PRO A 557 14.14 -5.76 9.26
N ASP A 558 15.20 -6.35 9.83
CA ASP A 558 15.63 -7.74 9.66
C ASP A 558 14.56 -8.77 10.05
N LYS A 559 13.61 -8.37 10.92
CA LYS A 559 12.54 -9.23 11.43
C LYS A 559 11.16 -9.02 10.76
N THR A 560 10.69 -7.76 10.65
CA THR A 560 9.39 -7.23 10.19
C THR A 560 8.56 -8.10 9.22
N VAL A 561 9.16 -8.82 8.26
CA VAL A 561 8.41 -9.70 7.35
C VAL A 561 7.86 -10.94 8.10
N LYS A 562 8.68 -11.53 9.01
CA LYS A 562 8.29 -12.69 9.81
C LYS A 562 7.05 -12.33 10.69
N LYS A 563 6.94 -11.05 11.12
CA LYS A 563 5.81 -10.55 11.90
C LYS A 563 4.46 -10.79 11.18
N VAL A 564 4.39 -10.52 9.85
CA VAL A 564 3.22 -10.75 8.95
C VAL A 564 3.13 -12.26 8.70
N GLN A 565 4.29 -12.90 8.40
CA GLN A 565 4.37 -14.35 8.10
C GLN A 565 3.69 -15.20 9.14
N ASP A 566 4.02 -14.97 10.43
CA ASP A 566 3.49 -15.65 11.61
C ASP A 566 1.99 -15.50 11.72
N LYS A 567 1.45 -14.29 11.41
CA LYS A 567 0.02 -14.00 11.52
C LYS A 567 -0.85 -14.92 10.64
N PHE A 568 -0.34 -15.29 9.45
CA PHE A 568 -1.04 -16.17 8.52
C PHE A 568 -1.17 -17.59 9.06
N ARG A 569 -0.26 -18.02 9.95
CA ARG A 569 -0.22 -19.37 10.55
C ARG A 569 -0.10 -20.46 9.46
N LEU A 570 0.91 -20.29 8.58
CA LEU A 570 1.21 -21.18 7.45
C LEU A 570 1.55 -22.61 7.93
N ASP A 571 1.93 -22.75 9.21
CA ASP A 571 2.20 -24.03 9.85
C ASP A 571 0.90 -24.83 10.04
N LEU A 572 -0.26 -24.14 9.97
CA LEU A 572 -1.57 -24.74 10.12
C LEU A 572 -2.18 -24.98 8.76
N SER A 573 -2.98 -26.05 8.66
CA SER A 573 -3.71 -26.37 7.44
C SER A 573 -4.95 -25.48 7.42
N ASP A 574 -5.66 -25.41 6.29
CA ASP A 574 -6.85 -24.58 6.17
C ASP A 574 -7.92 -24.92 7.21
N GLU A 575 -8.04 -26.19 7.62
CA GLU A 575 -9.00 -26.60 8.64
C GLU A 575 -8.60 -26.08 10.02
N GLU A 576 -7.31 -26.21 10.38
CA GLU A 576 -6.82 -25.70 11.65
C GLU A 576 -6.90 -24.18 11.66
N ALA A 577 -6.66 -23.54 10.49
CA ALA A 577 -6.71 -22.08 10.30
C ALA A 577 -8.10 -21.55 10.63
N VAL A 578 -9.15 -22.26 10.16
CA VAL A 578 -10.57 -21.96 10.39
C VAL A 578 -10.85 -21.97 11.91
N HIS A 579 -10.37 -23.03 12.62
CA HIS A 579 -10.53 -23.16 14.05
C HIS A 579 -9.75 -22.13 14.84
N TYR A 580 -8.53 -21.78 14.37
CA TYR A 580 -7.66 -20.79 15.01
C TYR A 580 -8.32 -19.41 14.97
N MET A 581 -8.83 -19.03 13.78
CA MET A 581 -9.53 -17.78 13.56
C MET A 581 -10.73 -17.68 14.51
N GLN A 582 -11.54 -18.76 14.62
CA GLN A 582 -12.69 -18.84 15.54
C GLN A 582 -12.24 -18.60 16.99
N SER A 583 -11.07 -19.17 17.38
CA SER A 583 -10.48 -19.02 18.71
C SER A 583 -10.10 -17.57 18.99
N LEU A 584 -9.51 -16.86 18.00
CA LEU A 584 -9.13 -15.45 18.10
C LEU A 584 -10.39 -14.60 18.32
N ILE A 585 -11.47 -14.86 17.54
CA ILE A 585 -12.75 -14.15 17.63
C ILE A 585 -13.37 -14.41 19.00
N ASP A 586 -13.45 -15.70 19.41
CA ASP A 586 -13.97 -16.14 20.71
C ASP A 586 -13.28 -15.41 21.87
N GLU A 587 -11.94 -15.36 21.84
CA GLU A 587 -11.10 -14.73 22.86
C GLU A 587 -11.27 -13.21 22.92
N SER A 588 -11.60 -12.58 21.79
CA SER A 588 -11.78 -11.13 21.72
C SER A 588 -13.10 -10.64 22.32
N VAL A 589 -14.20 -11.37 22.03
CA VAL A 589 -15.54 -11.03 22.50
C VAL A 589 -15.73 -11.35 23.99
N HIS A 590 -15.00 -12.37 24.49
CA HIS A 590 -15.06 -12.76 25.90
C HIS A 590 -14.28 -11.75 26.77
N ALA A 591 -12.94 -11.69 26.61
CA ALA A 591 -12.06 -10.81 27.37
C ALA A 591 -12.24 -9.34 27.01
S SO4 B . -2.61 2.71 -5.37
O1 SO4 B . -2.49 1.77 -4.23
O2 SO4 B . -3.48 2.12 -6.38
O3 SO4 B . -3.20 3.96 -4.88
O4 SO4 B . -1.29 2.96 -5.94
S SO4 C . -10.05 15.37 14.86
O1 SO4 C . -10.50 15.04 16.23
O2 SO4 C . -9.48 14.17 14.25
O3 SO4 C . -11.18 15.87 14.06
O4 SO4 C . -9.00 16.38 14.94
C1 7A5 D . -7.67 9.29 8.40
C2 7A5 D . -8.90 9.96 8.39
N3 7A5 D . -9.16 10.92 9.31
C4 7A5 D . -6.65 9.64 9.34
O5 7A5 D . -5.53 9.14 9.39
N6 7A5 D . -6.99 10.64 10.25
C7 7A5 D . -8.27 11.28 10.19
N8 7A5 D . -8.62 12.34 11.14
C9 7A5 D . -7.57 12.83 12.05
C10 7A5 D . -6.62 11.72 12.47
C11 7A5 D . -5.98 11.02 11.27
N12 7A5 D . -9.96 9.59 7.41
C13 7A5 D . -6.79 14.05 11.39
F14 7A5 D . -6.23 13.75 10.22
F15 7A5 D . -7.62 15.06 11.16
F16 7A5 D . -5.81 14.52 12.17
C17 7A5 D . -11.17 10.43 7.45
C18 7A5 D . -12.34 9.71 6.85
O19 7A5 D . -12.06 9.25 5.53
C20 7A5 D . -10.92 8.36 5.49
C21 7A5 D . -9.67 9.00 6.05
C22 7A5 D . -9.03 10.01 5.11
C23 7A5 D . -9.92 12.98 11.07
C24 7A5 D . -11.02 12.15 11.72
O25 7A5 D . -10.72 11.20 12.41
C26 7A5 D . -12.44 12.59 11.46
C27 7A5 D . -13.12 11.59 10.54
C28 7A5 D . -13.20 12.74 12.77
#